data_7LBC
#
_entry.id   7LBC
#
_cell.length_a   105.216
_cell.length_b   122.681
_cell.length_c   102.507
_cell.angle_alpha   90.000
_cell.angle_beta   90.000
_cell.angle_gamma   90.000
#
_symmetry.space_group_name_H-M   'C 2 2 21'
#
loop_
_entity.id
_entity.type
_entity.pdbx_description
1 polymer 'Glutathione hydrolase 1 heavy chain'
2 polymer 'Glutathione hydrolase 1 light chain'
3 non-polymer 2-acetamido-2-deoxy-beta-D-glucopyranose
4 non-polymer 'CHLORIDE ION'
5 non-polymer '(2R)-2-[(2-aminoethyl)amino]-4-boronobutanoic acid'
6 non-polymer 'SULFATE ION'
7 water water
#
loop_
_entity_poly.entity_id
_entity_poly.type
_entity_poly.pdbx_seq_one_letter_code
_entity_poly.pdbx_strand_id
1 'polypeptide(L)'
;SASKEPDNHVYTRAAVAADAKQCSKIGRDALRDGGSAVDAAIAALLCVGLMNAHSMGIGGGLFLTIYNSTTRKAEVINAR
EVAPRLAFATMFNSSEQSQKGGLSVAVPGEIRGYELAHQRHGRLPWARLFQPSIQLARQGFPVGKGLAAALENKRTVIEQ
QPVLCEVFCRDRKVLREGERLTLPQLADTYETLAIEGAQAFYNGSLTAQIVKDIQAAGGIVTAEDLNNYRAELIEHPLNI
SLGDAVLYMPSAPLSGPVLALILNILKGYNFSRESVESPEQKGLTYHRIVEAFRFAYAKRTLLGDPKFVDVTEVVRNMTS
EFFAAQLRAQISDDTTHPISYYKPEFYTPDDGG
;
A
2 'polypeptide(L)'
;TAHLSVVAEDGSAVSATSTINLYFGSKVRSPVSGILFNNEMDDFSSPSITNEFGVPPSPANFIQPGKQPLSSMCPTIMVG
QDGQVRMVVGAAGGTQITTATALAIIYNLWFGYDVKRAVEEPRLHNQLLPNVTTVERNIDQAVTAALETRHHHTQIASTF
IAVVQAIVRTAGGWAAASDSRKGGEPAGY
;
B
#
# COMPACT_ATOMS: atom_id res chain seq x y z
N PRO A 6 -23.79 15.32 -2.48
CA PRO A 6 -23.68 15.99 -3.78
C PRO A 6 -23.57 15.00 -4.96
N ASP A 7 -23.46 13.71 -4.62
CA ASP A 7 -22.99 12.68 -5.54
C ASP A 7 -23.23 11.32 -4.90
N ASN A 8 -23.72 10.38 -5.70
CA ASN A 8 -23.98 9.01 -5.25
C ASN A 8 -22.74 8.12 -5.17
N HIS A 9 -21.71 8.48 -5.93
CA HIS A 9 -20.50 7.67 -6.06
C HIS A 9 -20.75 6.31 -6.74
N VAL A 10 -21.89 6.19 -7.42
CA VAL A 10 -22.07 5.09 -8.38
C VAL A 10 -22.01 5.68 -9.79
N TYR A 11 -21.07 5.21 -10.60
CA TYR A 11 -20.81 5.85 -11.86
C TYR A 11 -21.16 4.98 -13.09
N THR A 12 -21.61 5.61 -14.17
CA THR A 12 -22.00 4.88 -15.37
C THR A 12 -20.82 4.33 -16.19
N ARG A 13 -19.71 5.05 -16.24
CA ARG A 13 -18.62 4.67 -17.15
C ARG A 13 -17.25 4.57 -16.51
N ALA A 14 -16.90 5.50 -15.63
CA ALA A 14 -15.58 5.49 -15.00
C ALA A 14 -15.56 6.00 -13.57
N ALA A 15 -14.56 5.53 -12.82
CA ALA A 15 -14.39 5.92 -11.41
C ALA A 15 -12.93 5.96 -10.97
N VAL A 16 -12.64 6.89 -10.06
CA VAL A 16 -11.34 7.01 -9.41
C VAL A 16 -11.51 7.19 -7.90
N ALA A 17 -10.96 6.25 -7.13
CA ALA A 17 -11.01 6.28 -5.66
C ALA A 17 -9.63 6.52 -5.07
N ALA A 18 -9.37 7.74 -4.63
CA ALA A 18 -8.10 8.12 -4.04
C ALA A 18 -8.34 8.60 -2.61
N ASP A 19 -7.27 8.79 -1.84
CA ASP A 19 -7.43 9.17 -0.41
C ASP A 19 -7.56 10.68 -0.16
N ALA A 20 -7.85 11.42 -1.24
CA ALA A 20 -8.05 12.87 -1.22
C ALA A 20 -8.85 13.26 -2.46
N LYS A 21 -10.02 13.85 -2.21
CA LYS A 21 -10.97 14.33 -3.23
C LYS A 21 -10.29 14.97 -4.45
N GLN A 22 -9.41 15.92 -4.19
CA GLN A 22 -8.77 16.67 -5.27
C GLN A 22 -8.03 15.74 -6.23
N CYS A 23 -7.34 14.74 -5.69
CA CYS A 23 -6.62 13.74 -6.50
C CYS A 23 -7.56 12.80 -7.28
N SER A 24 -8.72 12.52 -6.69
CA SER A 24 -9.77 11.77 -7.36
C SER A 24 -10.26 12.54 -8.60
N LYS A 25 -10.56 13.83 -8.42
CA LYS A 25 -10.95 14.71 -9.55
C LYS A 25 -9.89 14.74 -10.63
N ILE A 26 -8.66 15.10 -10.26
CA ILE A 26 -7.56 15.07 -11.22
C ILE A 26 -7.59 13.78 -12.01
N GLY A 27 -7.72 12.66 -11.31
CA GLY A 27 -7.81 11.35 -11.97
C GLY A 27 -8.92 11.26 -13.00
N ARG A 28 -10.13 11.61 -12.57
CA ARG A 28 -11.32 11.59 -13.42
C ARG A 28 -11.17 12.53 -14.63
N ASP A 29 -10.71 13.77 -14.39
CA ASP A 29 -10.46 14.72 -15.49
C ASP A 29 -9.41 14.20 -16.47
N ALA A 30 -8.53 13.31 -16.02
CA ALA A 30 -7.55 12.74 -16.93
C ALA A 30 -8.19 11.70 -17.85
N LEU A 31 -9.28 11.10 -17.38
CA LEU A 31 -10.01 10.11 -18.18
C LEU A 31 -10.89 10.82 -19.20
N ARG A 32 -11.56 11.87 -18.74
CA ARG A 32 -12.39 12.70 -19.58
C ARG A 32 -11.62 13.20 -20.80
N ASP A 33 -10.38 13.63 -20.57
CA ASP A 33 -9.52 14.09 -21.67
C ASP A 33 -8.95 12.95 -22.49
N GLY A 34 -9.50 11.75 -22.32
CA GLY A 34 -9.13 10.60 -23.15
C GLY A 34 -7.94 9.78 -22.68
N GLY A 35 -7.61 9.88 -21.41
CA GLY A 35 -6.50 9.10 -20.86
C GLY A 35 -6.94 7.69 -20.51
N SER A 36 -5.99 6.76 -20.53
CA SER A 36 -6.25 5.39 -20.06
C SER A 36 -6.30 5.34 -18.53
N ALA A 37 -6.56 4.15 -18.00
CA ALA A 37 -6.55 3.94 -16.56
C ALA A 37 -5.18 4.28 -15.97
N VAL A 38 -4.11 3.85 -16.67
CA VAL A 38 -2.73 4.13 -16.28
C VAL A 38 -2.43 5.63 -16.27
N ASP A 39 -2.88 6.35 -17.29
CA ASP A 39 -2.73 7.78 -17.32
C ASP A 39 -3.39 8.42 -16.10
N ALA A 40 -4.65 8.04 -15.83
CA ALA A 40 -5.38 8.60 -14.71
C ALA A 40 -4.67 8.25 -13.41
N ALA A 41 -4.22 7.00 -13.34
CA ALA A 41 -3.49 6.52 -12.17
C ALA A 41 -2.29 7.41 -11.84
N ILE A 42 -1.33 7.50 -12.77
CA ILE A 42 -0.10 8.26 -12.55
C ILE A 42 -0.45 9.69 -12.19
N ALA A 43 -1.30 10.29 -13.00
CA ALA A 43 -1.77 11.64 -12.72
C ALA A 43 -2.27 11.84 -11.29
N ALA A 44 -2.93 10.82 -10.73
CA ALA A 44 -3.52 10.98 -9.41
C ALA A 44 -2.48 10.79 -8.32
N LEU A 45 -1.51 9.92 -8.58
CA LEU A 45 -0.48 9.61 -7.58
C LEU A 45 0.42 10.82 -7.34
N LEU A 46 0.58 11.62 -8.38
CA LEU A 46 1.39 12.82 -8.30
C LEU A 46 0.69 13.79 -7.37
N CYS A 47 -0.61 13.98 -7.63
CA CYS A 47 -1.48 14.72 -6.70
C CYS A 47 -1.34 14.18 -5.29
N VAL A 48 -1.44 12.86 -5.10
CA VAL A 48 -1.38 12.27 -3.74
C VAL A 48 -0.02 12.44 -3.02
N GLY A 49 1.09 12.38 -3.76
CA GLY A 49 2.41 12.68 -3.17
C GLY A 49 2.51 14.12 -2.69
N LEU A 50 1.76 15.02 -3.29
CA LEU A 50 1.61 16.37 -2.74
C LEU A 50 0.63 16.44 -1.58
N MET A 51 -0.64 16.07 -1.82
CA MET A 51 -1.68 16.30 -0.80
C MET A 51 -1.55 15.43 0.45
N ASN A 52 -1.12 14.18 0.28
CA ASN A 52 -0.70 13.33 1.40
C ASN A 52 0.79 13.04 1.29
N ALA A 53 1.58 14.05 1.64
CA ALA A 53 3.06 14.01 1.48
C ALA A 53 3.76 13.09 2.48
N HIS A 54 3.07 12.77 3.57
CA HIS A 54 3.58 11.82 4.56
C HIS A 54 3.47 10.37 4.14
N SER A 55 2.65 10.10 3.11
CA SER A 55 2.25 8.74 2.76
C SER A 55 3.11 8.14 1.66
N MET A 56 3.28 8.89 0.58
CA MET A 56 3.90 8.39 -0.64
C MET A 56 4.45 9.56 -1.46
N GLY A 57 5.18 9.27 -2.53
CA GLY A 57 5.77 10.30 -3.38
C GLY A 57 7.02 9.88 -4.16
N ILE A 58 7.52 10.78 -4.98
CA ILE A 58 8.66 10.47 -5.85
C ILE A 58 9.94 10.09 -5.10
N GLY A 59 9.92 10.28 -3.77
CA GLY A 59 10.98 9.81 -2.88
C GLY A 59 10.76 8.40 -2.33
N GLY A 60 9.88 7.64 -2.98
CA GLY A 60 9.51 6.31 -2.53
C GLY A 60 9.60 5.25 -3.61
N GLY A 61 8.64 4.34 -3.59
CA GLY A 61 8.55 3.23 -4.55
C GLY A 61 7.12 2.72 -4.58
N LEU A 62 6.79 1.90 -5.58
CA LEU A 62 5.43 1.37 -5.66
C LEU A 62 5.24 0.14 -6.52
N PHE A 63 4.03 -0.40 -6.40
CA PHE A 63 3.57 -1.51 -7.20
C PHE A 63 2.24 -1.19 -7.85
N LEU A 64 2.12 -1.61 -9.11
CA LEU A 64 0.89 -1.41 -9.86
C LEU A 64 0.41 -2.71 -10.45
N THR A 65 -0.85 -3.03 -10.14
CA THR A 65 -1.53 -4.14 -10.76
C THR A 65 -2.48 -3.55 -11.80
N ILE A 66 -2.38 -4.06 -13.03
CA ILE A 66 -3.14 -3.51 -14.16
C ILE A 66 -3.81 -4.59 -14.99
N TYR A 67 -5.12 -4.45 -15.21
CA TYR A 67 -5.85 -5.33 -16.12
C TYR A 67 -6.12 -4.65 -17.46
N ASN A 68 -5.84 -5.37 -18.54
CA ASN A 68 -6.10 -4.89 -19.90
C ASN A 68 -7.38 -5.56 -20.42
N SER A 69 -8.47 -4.79 -20.50
CA SER A 69 -9.77 -5.30 -20.92
C SER A 69 -9.76 -5.82 -22.36
N THR A 70 -8.86 -5.30 -23.19
CA THR A 70 -8.73 -5.76 -24.57
C THR A 70 -8.09 -7.16 -24.63
N THR A 71 -6.89 -7.28 -24.09
CA THR A 71 -6.17 -8.54 -24.08
C THR A 71 -6.72 -9.53 -23.05
N ARG A 72 -7.67 -9.07 -22.24
CA ARG A 72 -8.26 -9.86 -21.15
C ARG A 72 -7.19 -10.40 -20.20
N LYS A 73 -6.17 -9.58 -19.93
CA LYS A 73 -5.01 -10.01 -19.16
C LYS A 73 -4.61 -9.00 -18.09
N ALA A 74 -4.16 -9.52 -16.95
CA ALA A 74 -3.61 -8.68 -15.89
C ALA A 74 -2.09 -8.71 -15.90
N GLU A 75 -1.48 -7.65 -15.35
CA GLU A 75 -0.03 -7.62 -15.16
C GLU A 75 0.34 -6.84 -13.89
N VAL A 76 1.58 -7.03 -13.47
CA VAL A 76 2.13 -6.32 -12.32
C VAL A 76 3.36 -5.56 -12.78
N ILE A 77 3.41 -4.28 -12.41
CA ILE A 77 4.65 -3.51 -12.54
C ILE A 77 5.27 -3.25 -11.17
N ASN A 78 6.57 -3.56 -11.09
CA ASN A 78 7.37 -3.56 -9.88
C ASN A 78 8.27 -2.34 -9.84
N ALA A 79 8.00 -1.44 -8.91
CA ALA A 79 8.84 -0.26 -8.71
C ALA A 79 9.12 0.09 -7.26
N ARG A 80 9.26 -0.95 -6.43
CA ARG A 80 9.68 -0.83 -5.02
C ARG A 80 11.18 -0.51 -4.96
N GLU A 81 11.55 0.23 -3.92
CA GLU A 81 12.90 0.66 -3.68
C GLU A 81 13.84 -0.50 -3.40
N VAL A 82 15.11 -0.34 -3.83
CA VAL A 82 16.20 -1.31 -3.56
C VAL A 82 17.24 -0.81 -2.55
N ALA A 83 17.92 -1.75 -1.88
CA ALA A 83 19.10 -1.42 -1.10
C ALA A 83 20.25 -0.96 -2.03
N PRO A 84 20.94 0.12 -1.64
CA PRO A 84 22.14 0.65 -2.30
C PRO A 84 23.21 -0.42 -2.50
N ARG A 85 24.06 -0.25 -3.51
CA ARG A 85 25.22 -1.15 -3.71
C ARG A 85 26.08 -1.33 -2.45
N LEU A 86 26.25 -0.24 -1.69
CA LEU A 86 27.08 -0.23 -0.48
C LEU A 86 26.44 -0.78 0.82
N ALA A 87 25.15 -1.11 0.77
CA ALA A 87 24.44 -1.64 1.94
C ALA A 87 24.90 -3.07 2.27
N PHE A 88 24.83 -3.45 3.56
CA PHE A 88 25.23 -4.77 4.03
C PHE A 88 24.36 -5.20 5.21
N ALA A 89 24.23 -6.51 5.43
CA ALA A 89 23.29 -7.08 6.41
C ALA A 89 23.33 -6.51 7.84
N THR A 90 24.52 -6.13 8.29
CA THR A 90 24.74 -5.67 9.67
C THR A 90 24.81 -4.15 9.84
N MET A 91 24.41 -3.40 8.81
CA MET A 91 24.56 -1.94 8.82
C MET A 91 23.73 -1.18 9.87
N PHE A 92 22.73 -1.83 10.48
CA PHE A 92 21.99 -1.25 11.60
C PHE A 92 22.15 -2.06 12.88
N ASN A 93 22.07 -1.37 14.01
CA ASN A 93 22.11 -2.03 15.30
C ASN A 93 20.93 -1.63 16.19
N SER A 94 20.03 -0.83 15.63
CA SER A 94 18.82 -0.37 16.34
C SER A 94 17.68 0.04 15.39
N SER A 95 16.50 0.27 15.98
CA SER A 95 15.34 0.78 15.25
C SER A 95 15.56 2.24 14.89
N GLU A 96 15.93 3.03 15.90
CA GLU A 96 16.31 4.43 15.72
C GLU A 96 17.17 4.63 14.47
N GLN A 97 18.20 3.80 14.29
CA GLN A 97 19.11 3.91 13.15
C GLN A 97 18.48 3.55 11.81
N SER A 98 17.59 2.55 11.79
CA SER A 98 16.99 2.11 10.53
C SER A 98 15.76 2.94 10.10
N GLN A 99 15.39 3.95 10.89
CA GLN A 99 14.15 4.71 10.66
C GLN A 99 14.34 6.23 10.49
N LYS A 100 15.55 6.71 10.72
CA LYS A 100 15.80 8.15 10.58
C LYS A 100 17.18 8.46 9.99
N GLY A 101 17.22 9.48 9.14
CA GLY A 101 18.46 9.95 8.55
C GLY A 101 18.83 9.31 7.22
N GLY A 102 19.96 9.77 6.68
CA GLY A 102 20.44 9.33 5.38
C GLY A 102 20.50 7.84 5.16
N LEU A 103 20.96 7.10 6.15
CA LEU A 103 21.10 5.64 6.03
C LEU A 103 19.78 4.86 5.91
N SER A 104 18.69 5.37 6.50
CA SER A 104 17.40 4.68 6.39
C SER A 104 16.75 4.87 5.03
N VAL A 105 17.50 5.37 4.05
CA VAL A 105 16.93 5.67 2.74
C VAL A 105 17.32 4.63 1.70
N ALA A 106 16.30 4.02 1.10
CA ALA A 106 16.48 3.10 -0.02
C ALA A 106 16.34 3.88 -1.30
N VAL A 107 16.86 3.31 -2.40
CA VAL A 107 16.84 3.96 -3.70
C VAL A 107 15.40 4.08 -4.22
N PRO A 108 14.92 5.32 -4.44
CA PRO A 108 13.54 5.54 -4.87
C PRO A 108 13.19 4.95 -6.23
N GLY A 109 11.96 4.46 -6.36
CA GLY A 109 11.55 3.74 -7.57
C GLY A 109 10.40 4.40 -8.31
N GLU A 110 9.52 5.04 -7.55
CA GLU A 110 8.29 5.66 -8.07
C GLU A 110 8.37 6.11 -9.56
N ILE A 111 9.36 6.93 -9.88
CA ILE A 111 9.47 7.54 -11.21
C ILE A 111 9.73 6.57 -12.37
N ARG A 112 10.59 5.58 -12.16
CA ARG A 112 10.78 4.58 -13.20
C ARG A 112 9.50 3.77 -13.35
N GLY A 113 8.79 3.62 -12.24
CA GLY A 113 7.50 2.96 -12.20
C GLY A 113 6.55 3.62 -13.16
N TYR A 114 6.36 4.91 -12.96
CA TYR A 114 5.44 5.69 -13.77
C TYR A 114 5.76 5.60 -15.24
N GLU A 115 7.06 5.71 -15.53
CA GLU A 115 7.57 5.71 -16.88
C GLU A 115 7.19 4.44 -17.61
N LEU A 116 7.50 3.29 -17.01
CA LEU A 116 7.21 2.00 -17.63
C LEU A 116 5.71 1.79 -17.85
N ALA A 117 4.89 2.12 -16.84
CA ALA A 117 3.43 2.03 -16.94
C ALA A 117 2.93 2.91 -18.07
N HIS A 118 3.38 4.16 -18.10
CA HIS A 118 3.06 5.06 -19.20
C HIS A 118 3.63 4.58 -20.56
N GLN A 119 4.85 4.03 -20.57
CA GLN A 119 5.46 3.51 -21.81
C GLN A 119 4.67 2.35 -22.41
N ARG A 120 3.79 1.76 -21.60
CA ARG A 120 3.03 0.57 -22.01
C ARG A 120 1.53 0.82 -22.14
N HIS A 121 0.99 1.75 -21.35
CA HIS A 121 -0.48 1.98 -21.35
C HIS A 121 -0.92 3.44 -21.45
N GLY A 122 0.04 4.33 -21.70
CA GLY A 122 -0.24 5.76 -21.80
C GLY A 122 -0.85 6.19 -23.12
N ARG A 123 -1.79 7.14 -23.02
CA ARG A 123 -2.45 7.72 -24.20
CA ARG A 123 -2.47 7.72 -24.19
C ARG A 123 -2.31 9.25 -24.21
N LEU A 124 -2.03 9.82 -23.04
CA LEU A 124 -1.78 11.26 -22.91
C LEU A 124 -0.27 11.53 -22.92
N PRO A 125 0.15 12.77 -23.21
CA PRO A 125 1.58 13.05 -23.16
C PRO A 125 2.08 12.99 -21.72
N TRP A 126 3.38 12.78 -21.57
CA TRP A 126 4.03 12.70 -20.27
C TRP A 126 3.71 13.93 -19.44
N ALA A 127 4.03 15.11 -19.99
CA ALA A 127 3.92 16.36 -19.25
C ALA A 127 2.49 16.68 -18.82
N ARG A 128 1.52 16.11 -19.52
CA ARG A 128 0.11 16.36 -19.24
C ARG A 128 -0.21 15.86 -17.84
N LEU A 129 0.36 14.71 -17.49
CA LEU A 129 0.13 14.06 -16.21
C LEU A 129 0.60 14.92 -15.03
N PHE A 130 1.72 15.61 -15.22
CA PHE A 130 2.29 16.48 -14.19
C PHE A 130 1.59 17.82 -14.01
N GLN A 131 0.99 18.30 -15.09
CA GLN A 131 0.46 19.66 -15.18
C GLN A 131 -0.38 20.10 -13.97
N PRO A 132 -1.45 19.35 -13.61
CA PRO A 132 -2.33 19.88 -12.56
C PRO A 132 -1.70 19.83 -11.16
N SER A 133 -0.73 18.92 -10.99
CA SER A 133 -0.05 18.79 -9.71
C SER A 133 0.95 19.93 -9.52
N ILE A 134 1.64 20.29 -10.61
CA ILE A 134 2.50 21.47 -10.57
C ILE A 134 1.72 22.72 -10.11
N GLN A 135 0.56 22.94 -10.70
CA GLN A 135 -0.34 24.05 -10.31
C GLN A 135 -0.67 24.01 -8.82
N LEU A 136 -1.01 22.82 -8.35
CA LEU A 136 -1.42 22.61 -6.96
C LEU A 136 -0.27 22.93 -6.00
N ALA A 137 0.94 22.52 -6.39
CA ALA A 137 2.16 22.73 -5.60
C ALA A 137 2.53 24.20 -5.38
N ARG A 138 2.43 25.01 -6.44
CA ARG A 138 2.81 26.44 -6.36
C ARG A 138 1.74 27.28 -5.68
N GLN A 139 0.49 27.04 -6.06
CA GLN A 139 -0.64 27.77 -5.50
C GLN A 139 -0.84 27.45 -4.03
N GLY A 140 -0.65 26.18 -3.70
CA GLY A 140 -0.97 25.70 -2.37
C GLY A 140 -2.40 25.20 -2.30
N PHE A 141 -2.71 24.48 -1.22
CA PHE A 141 -4.03 23.89 -1.00
C PHE A 141 -4.22 23.78 0.49
N PRO A 142 -5.50 23.68 0.94
CA PRO A 142 -5.79 23.49 2.36
C PRO A 142 -5.45 22.08 2.82
N VAL A 143 -4.92 21.97 4.04
CA VAL A 143 -4.52 20.69 4.61
C VAL A 143 -5.76 19.85 4.96
N GLY A 144 -5.82 18.64 4.41
CA GLY A 144 -6.90 17.69 4.67
C GLY A 144 -6.72 16.85 5.93
N LYS A 145 -7.81 16.29 6.43
CA LYS A 145 -7.83 15.44 7.64
C LYS A 145 -6.62 14.50 7.81
N GLY A 146 -6.35 13.70 6.79
CA GLY A 146 -5.26 12.73 6.88
C GLY A 146 -3.91 13.34 7.20
N LEU A 147 -3.51 14.34 6.42
CA LEU A 147 -2.20 14.96 6.62
C LEU A 147 -2.15 15.79 7.90
N ALA A 148 -3.33 16.23 8.36
CA ALA A 148 -3.44 16.99 9.60
C ALA A 148 -3.03 16.14 10.79
N ALA A 149 -3.61 14.94 10.89
CA ALA A 149 -3.25 13.98 11.94
C ALA A 149 -1.79 13.53 11.83
N ALA A 150 -1.33 13.30 10.60
CA ALA A 150 0.08 12.95 10.38
C ALA A 150 0.94 14.01 11.06
N LEU A 151 0.71 15.27 10.70
CA LEU A 151 1.40 16.41 11.27
C LEU A 151 1.39 16.42 12.80
N GLU A 152 0.18 16.40 13.38
CA GLU A 152 -0.04 16.28 14.81
C GLU A 152 0.75 15.13 15.45
N ASN A 153 0.66 13.94 14.85
CA ASN A 153 1.38 12.77 15.34
C ASN A 153 2.90 12.98 15.42
N LYS A 154 3.45 13.71 14.45
CA LYS A 154 4.90 13.93 14.39
C LYS A 154 5.32 15.39 14.66
N ARG A 155 4.49 16.10 15.41
CA ARG A 155 4.75 17.51 15.75
C ARG A 155 6.21 17.81 16.12
N THR A 156 6.71 17.08 17.10
CA THR A 156 8.03 17.32 17.68
C THR A 156 9.15 17.15 16.66
N VAL A 157 9.17 16.03 15.95
CA VAL A 157 10.24 15.75 14.99
C VAL A 157 10.22 16.74 13.82
N ILE A 158 9.05 17.32 13.54
CA ILE A 158 8.90 18.28 12.44
C ILE A 158 9.37 19.70 12.84
N GLU A 159 8.87 20.17 13.98
CA GLU A 159 9.18 21.51 14.51
C GLU A 159 10.66 21.70 14.86
N GLN A 160 11.32 20.60 15.23
CA GLN A 160 12.73 20.63 15.64
C GLN A 160 13.68 20.51 14.44
N GLN A 161 13.13 20.29 13.25
CA GLN A 161 13.93 20.17 12.03
CA GLN A 161 13.93 20.18 12.04
C GLN A 161 13.53 21.28 11.06
N PRO A 162 14.44 22.26 10.83
CA PRO A 162 14.09 23.46 10.07
C PRO A 162 13.68 23.20 8.63
N VAL A 163 14.29 22.19 8.00
CA VAL A 163 14.03 21.91 6.58
C VAL A 163 12.67 21.28 6.34
N LEU A 164 12.14 20.61 7.34
CA LEU A 164 10.78 20.11 7.24
C LEU A 164 9.81 21.25 7.54
N CYS A 165 10.12 21.99 8.59
CA CYS A 165 9.26 23.07 9.11
C CYS A 165 9.07 24.20 8.10
N GLU A 166 10.10 24.41 7.25
CA GLU A 166 10.06 25.36 6.15
C GLU A 166 8.80 25.22 5.29
N VAL A 167 8.43 23.99 4.92
CA VAL A 167 7.19 23.76 4.17
C VAL A 167 5.99 23.39 5.05
N PHE A 168 6.24 22.79 6.22
CA PHE A 168 5.17 22.16 7.00
C PHE A 168 4.67 22.94 8.23
N CYS A 169 5.31 24.05 8.56
CA CYS A 169 4.87 24.85 9.68
C CYS A 169 4.31 26.21 9.28
N ARG A 170 3.46 26.76 10.15
CA ARG A 170 3.13 28.18 10.11
C ARG A 170 3.58 28.79 11.44
N ASP A 171 4.57 29.68 11.36
CA ASP A 171 5.22 30.29 12.53
C ASP A 171 5.87 29.23 13.43
N ARG A 172 6.59 28.31 12.78
CA ARG A 172 7.31 27.22 13.45
C ARG A 172 6.41 26.29 14.32
N LYS A 173 5.15 26.20 13.91
CA LYS A 173 4.21 25.21 14.45
C LYS A 173 3.59 24.47 13.26
N VAL A 174 3.45 23.15 13.37
CA VAL A 174 2.87 22.36 12.28
C VAL A 174 1.51 22.92 11.81
N LEU A 175 1.28 22.83 10.50
CA LEU A 175 0.03 23.29 9.92
C LEU A 175 -1.15 22.51 10.49
N ARG A 176 -2.29 23.15 10.61
CA ARG A 176 -3.49 22.42 11.03
C ARG A 176 -4.44 22.24 9.84
N GLU A 177 -5.45 21.41 10.03
CA GLU A 177 -6.44 21.14 8.99
C GLU A 177 -7.05 22.46 8.54
N GLY A 178 -7.15 22.66 7.23
CA GLY A 178 -7.68 23.92 6.69
C GLY A 178 -6.62 24.93 6.29
N GLU A 179 -5.52 24.99 7.03
CA GLU A 179 -4.42 25.90 6.71
C GLU A 179 -3.71 25.53 5.40
N ARG A 180 -3.07 26.53 4.78
CA ARG A 180 -2.51 26.37 3.45
C ARG A 180 -1.11 25.76 3.46
N LEU A 181 -0.96 24.65 2.75
CA LEU A 181 0.34 24.08 2.46
C LEU A 181 0.70 24.44 1.04
N THR A 182 1.94 24.89 0.87
CA THR A 182 2.50 25.28 -0.42
C THR A 182 3.84 24.58 -0.60
N LEU A 183 4.06 23.95 -1.75
CA LEU A 183 5.26 23.14 -1.92
C LEU A 183 6.15 23.60 -3.08
N PRO A 184 6.84 24.74 -2.90
CA PRO A 184 7.53 25.48 -3.97
C PRO A 184 8.67 24.71 -4.61
N GLN A 185 9.41 23.95 -3.81
CA GLN A 185 10.58 23.26 -4.32
C GLN A 185 10.21 22.00 -5.11
N LEU A 186 9.16 21.31 -4.68
CA LEU A 186 8.70 20.09 -5.35
C LEU A 186 8.07 20.42 -6.70
N ALA A 187 7.44 21.60 -6.77
CA ALA A 187 6.77 22.04 -7.99
C ALA A 187 7.78 22.21 -9.13
N ASP A 188 8.90 22.84 -8.83
CA ASP A 188 9.99 22.98 -9.81
C ASP A 188 10.40 21.61 -10.27
N THR A 189 10.59 20.72 -9.27
CA THR A 189 11.05 19.35 -9.48
C THR A 189 10.14 18.59 -10.44
N TYR A 190 8.85 18.57 -10.12
CA TYR A 190 7.81 18.01 -10.96
C TYR A 190 7.84 18.56 -12.37
N GLU A 191 8.03 19.88 -12.49
CA GLU A 191 8.10 20.53 -13.79
C GLU A 191 9.34 20.07 -14.59
N THR A 192 10.46 19.87 -13.91
CA THR A 192 11.65 19.38 -14.59
C THR A 192 11.41 17.94 -15.07
N LEU A 193 10.65 17.18 -14.28
CA LEU A 193 10.35 15.79 -14.64
C LEU A 193 9.45 15.76 -15.86
N ALA A 194 8.49 16.69 -15.91
CA ALA A 194 7.54 16.79 -17.02
C ALA A 194 8.23 17.19 -18.31
N ILE A 195 9.12 18.17 -18.23
CA ILE A 195 9.88 18.61 -19.40
C ILE A 195 10.95 17.61 -19.81
N GLU A 196 11.93 17.36 -18.92
CA GLU A 196 13.10 16.55 -19.25
C GLU A 196 12.88 15.03 -19.18
N GLY A 197 11.86 14.62 -18.43
CA GLY A 197 11.47 13.21 -18.38
C GLY A 197 12.04 12.48 -17.18
N ALA A 198 11.80 11.18 -17.13
CA ALA A 198 12.30 10.32 -16.05
C ALA A 198 13.85 10.34 -15.94
N GLN A 199 14.53 10.42 -17.07
CA GLN A 199 16.00 10.53 -17.10
C GLN A 199 16.55 11.56 -16.12
N ALA A 200 15.87 12.71 -16.00
CA ALA A 200 16.33 13.79 -15.14
C ALA A 200 16.62 13.35 -13.70
N PHE A 201 15.82 12.38 -13.23
CA PHE A 201 15.92 11.88 -11.86
C PHE A 201 17.08 10.92 -11.68
N TYR A 202 17.14 9.94 -12.57
CA TYR A 202 18.01 8.79 -12.42
C TYR A 202 19.40 8.95 -13.06
N ASN A 203 19.45 9.65 -14.18
CA ASN A 203 20.71 9.97 -14.86
C ASN A 203 20.46 11.27 -15.60
N GLY A 204 20.48 12.36 -14.86
CA GLY A 204 20.01 13.64 -15.37
C GLY A 204 20.22 14.80 -14.44
N SER A 205 19.63 15.94 -14.81
CA SER A 205 19.87 17.22 -14.13
C SER A 205 19.59 17.23 -12.62
N LEU A 206 18.95 16.17 -12.10
CA LEU A 206 18.57 16.12 -10.69
C LEU A 206 19.42 15.17 -9.85
N THR A 207 20.15 14.28 -10.53
CA THR A 207 20.79 13.14 -9.90
C THR A 207 21.76 13.56 -8.78
N ALA A 208 22.79 14.32 -9.13
CA ALA A 208 23.81 14.75 -8.16
C ALA A 208 23.22 15.42 -6.90
N GLN A 209 22.17 16.19 -7.08
CA GLN A 209 21.53 16.84 -5.93
C GLN A 209 20.92 15.82 -4.96
N ILE A 210 20.34 14.74 -5.50
CA ILE A 210 19.78 13.64 -4.69
C ILE A 210 20.84 12.98 -3.84
N VAL A 211 21.96 12.59 -4.47
CA VAL A 211 23.10 11.97 -3.83
C VAL A 211 23.56 12.85 -2.66
N LYS A 212 23.87 14.10 -2.97
CA LYS A 212 24.32 15.05 -1.96
C LYS A 212 23.32 15.13 -0.82
N ASP A 213 22.04 15.31 -1.14
CA ASP A 213 21.02 15.38 -0.09
C ASP A 213 21.03 14.15 0.83
N ILE A 214 21.02 12.95 0.23
CA ILE A 214 21.00 11.69 0.99
C ILE A 214 22.26 11.50 1.85
N GLN A 215 23.43 11.59 1.21
CA GLN A 215 24.72 11.47 1.87
C GLN A 215 24.95 12.54 2.95
N ALA A 216 24.54 13.77 2.68
CA ALA A 216 24.65 14.84 3.69
C ALA A 216 23.97 14.48 5.01
N ALA A 217 22.97 13.61 4.95
CA ALA A 217 22.27 13.18 6.16
C ALA A 217 22.73 11.79 6.62
N GLY A 218 23.80 11.28 5.99
CA GLY A 218 24.42 10.01 6.38
C GLY A 218 24.05 8.75 5.62
N GLY A 219 23.38 8.86 4.46
CA GLY A 219 23.11 7.67 3.63
C GLY A 219 24.31 7.34 2.76
N ILE A 220 24.18 6.29 1.96
CA ILE A 220 25.29 5.72 1.21
C ILE A 220 24.94 5.53 -0.26
N VAL A 221 23.68 5.84 -0.58
CA VAL A 221 23.22 5.95 -1.98
C VAL A 221 24.18 6.78 -2.86
N THR A 222 24.59 6.22 -3.97
CA THR A 222 25.47 6.92 -4.92
C THR A 222 24.76 7.14 -6.25
N ALA A 223 25.42 7.82 -7.18
CA ALA A 223 24.87 8.06 -8.51
C ALA A 223 24.61 6.72 -9.20
N GLU A 224 25.54 5.80 -9.02
CA GLU A 224 25.51 4.48 -9.65
C GLU A 224 24.22 3.73 -9.31
N ASP A 225 23.78 3.87 -8.06
CA ASP A 225 22.52 3.28 -7.63
C ASP A 225 21.36 3.78 -8.49
N LEU A 226 21.20 5.09 -8.51
CA LEU A 226 20.21 5.75 -9.35
C LEU A 226 20.30 5.33 -10.82
N ASN A 227 21.51 5.44 -11.38
CA ASN A 227 21.77 5.12 -12.78
C ASN A 227 21.30 3.71 -13.15
N ASN A 228 21.42 2.78 -12.21
CA ASN A 228 21.10 1.38 -12.43
C ASN A 228 19.65 0.94 -12.13
N TYR A 229 18.92 1.66 -11.28
CA TYR A 229 17.55 1.25 -10.94
C TYR A 229 16.70 0.92 -12.19
N ARG A 230 16.19 -0.31 -12.25
CA ARG A 230 15.23 -0.69 -13.27
C ARG A 230 13.88 -1.08 -12.64
N ALA A 231 12.80 -0.48 -13.13
CA ALA A 231 11.48 -1.01 -12.82
C ALA A 231 11.34 -2.35 -13.54
N GLU A 232 10.37 -3.15 -13.12
CA GLU A 232 10.22 -4.51 -13.66
C GLU A 232 8.78 -4.85 -14.01
N LEU A 233 8.62 -5.36 -15.22
CA LEU A 233 7.35 -5.89 -15.68
C LEU A 233 7.25 -7.36 -15.34
N ILE A 234 6.16 -7.71 -14.66
CA ILE A 234 5.85 -9.08 -14.32
C ILE A 234 4.64 -9.45 -15.15
N GLU A 235 4.83 -10.40 -16.06
CA GLU A 235 3.81 -10.76 -17.02
C GLU A 235 2.72 -11.63 -16.40
N HIS A 236 3.11 -12.50 -15.47
CA HIS A 236 2.17 -13.43 -14.84
C HIS A 236 2.07 -13.22 -13.33
N PRO A 237 1.17 -12.31 -12.92
CA PRO A 237 0.95 -12.04 -11.51
C PRO A 237 0.41 -13.26 -10.79
N LEU A 238 0.37 -13.18 -9.47
CA LEU A 238 -0.20 -14.23 -8.65
C LEU A 238 -1.71 -14.18 -8.79
N ASN A 239 -2.34 -15.34 -8.81
CA ASN A 239 -3.79 -15.41 -8.90
C ASN A 239 -4.38 -16.49 -8.00
N ILE A 240 -5.63 -16.29 -7.59
CA ILE A 240 -6.35 -17.32 -6.84
C ILE A 240 -7.78 -17.37 -7.35
N SER A 241 -8.42 -18.52 -7.24
CA SER A 241 -9.80 -18.67 -7.66
C SER A 241 -10.71 -18.42 -6.49
N LEU A 242 -11.73 -17.61 -6.71
CA LEU A 242 -12.67 -17.32 -5.63
C LEU A 242 -14.07 -17.49 -6.17
N GLY A 243 -14.52 -18.74 -6.18
CA GLY A 243 -15.83 -19.12 -6.69
C GLY A 243 -15.88 -18.88 -8.18
N ASP A 244 -16.65 -17.88 -8.56
CA ASP A 244 -16.85 -17.52 -9.96
C ASP A 244 -15.72 -16.68 -10.55
N ALA A 245 -14.78 -16.24 -9.71
CA ALA A 245 -13.86 -15.18 -10.09
C ALA A 245 -12.39 -15.55 -9.95
N VAL A 246 -11.52 -14.72 -10.51
CA VAL A 246 -10.07 -14.83 -10.34
C VAL A 246 -9.56 -13.53 -9.69
N LEU A 247 -8.67 -13.67 -8.71
CA LEU A 247 -8.02 -12.52 -8.05
C LEU A 247 -6.57 -12.37 -8.47
N TYR A 248 -6.20 -11.16 -8.87
CA TYR A 248 -4.81 -10.88 -9.23
C TYR A 248 -4.15 -10.02 -8.15
N MET A 249 -2.86 -10.26 -7.92
CA MET A 249 -2.07 -9.64 -6.84
C MET A 249 -0.57 -9.93 -7.04
N PRO A 250 0.31 -9.09 -6.46
CA PRO A 250 1.74 -9.33 -6.70
C PRO A 250 2.35 -10.38 -5.77
N SER A 251 3.27 -11.18 -6.31
CA SER A 251 3.93 -12.17 -5.50
C SER A 251 4.95 -11.47 -4.62
N ALA A 252 5.64 -12.22 -3.78
CA ALA A 252 6.83 -11.71 -3.10
C ALA A 252 7.69 -10.95 -4.12
N PRO A 253 8.29 -9.81 -3.73
CA PRO A 253 8.36 -9.33 -2.33
C PRO A 253 7.13 -8.66 -1.70
N LEU A 254 5.97 -8.75 -2.33
CA LEU A 254 4.77 -8.20 -1.66
C LEU A 254 3.91 -9.26 -1.00
N SER A 255 2.74 -8.88 -0.49
CA SER A 255 1.97 -9.77 0.38
C SER A 255 0.85 -10.52 -0.29
N GLY A 256 0.90 -10.62 -1.61
CA GLY A 256 -0.01 -11.48 -2.35
C GLY A 256 -0.12 -12.87 -1.73
N PRO A 257 1.01 -13.59 -1.62
CA PRO A 257 1.01 -14.93 -1.01
C PRO A 257 0.22 -15.03 0.30
N VAL A 258 0.37 -14.04 1.18
CA VAL A 258 -0.25 -14.05 2.49
C VAL A 258 -1.78 -13.85 2.37
N LEU A 259 -2.19 -12.91 1.52
CA LEU A 259 -3.60 -12.61 1.27
C LEU A 259 -4.27 -13.79 0.56
N ALA A 260 -3.52 -14.43 -0.33
CA ALA A 260 -3.94 -15.67 -1.01
C ALA A 260 -4.27 -16.76 0.00
N LEU A 261 -3.38 -16.93 0.98
CA LEU A 261 -3.57 -17.94 2.01
C LEU A 261 -4.78 -17.61 2.91
N ILE A 262 -4.91 -16.35 3.32
CA ILE A 262 -6.01 -15.95 4.20
C ILE A 262 -7.34 -16.29 3.55
N LEU A 263 -7.51 -15.84 2.30
CA LEU A 263 -8.74 -16.06 1.55
C LEU A 263 -8.98 -17.52 1.17
N ASN A 264 -7.94 -18.21 0.73
CA ASN A 264 -8.03 -19.66 0.47
C ASN A 264 -8.43 -20.50 1.68
N ILE A 265 -7.91 -20.14 2.86
CA ILE A 265 -8.35 -20.77 4.10
C ILE A 265 -9.84 -20.50 4.29
N LEU A 266 -10.23 -19.23 4.19
CA LEU A 266 -11.55 -18.82 4.65
C LEU A 266 -12.68 -19.21 3.69
N LYS A 267 -12.37 -19.32 2.40
CA LYS A 267 -13.38 -19.67 1.39
C LYS A 267 -13.99 -21.05 1.62
N GLY A 268 -13.33 -21.85 2.46
CA GLY A 268 -13.79 -23.18 2.83
C GLY A 268 -14.91 -23.22 3.86
N TYR A 269 -15.18 -22.10 4.53
CA TYR A 269 -16.30 -22.03 5.48
C TYR A 269 -17.57 -21.62 4.77
N ASN A 270 -17.42 -21.24 3.50
CA ASN A 270 -18.51 -20.69 2.67
C ASN A 270 -19.25 -19.59 3.41
N PHE A 271 -18.60 -18.44 3.61
CA PHE A 271 -19.27 -17.34 4.31
C PHE A 271 -20.38 -16.72 3.48
N SER A 272 -21.49 -16.40 4.14
CA SER A 272 -22.61 -15.75 3.50
C SER A 272 -23.18 -14.64 4.38
N ARG A 273 -24.27 -14.03 3.93
CA ARG A 273 -25.02 -13.04 4.71
C ARG A 273 -25.26 -13.57 6.11
N GLU A 274 -25.55 -14.87 6.19
CA GLU A 274 -25.94 -15.51 7.45
C GLU A 274 -24.80 -15.61 8.45
N SER A 275 -23.56 -15.62 7.96
CA SER A 275 -22.39 -15.65 8.84
C SER A 275 -22.40 -14.54 9.89
N VAL A 276 -23.11 -13.45 9.62
CA VAL A 276 -23.21 -12.33 10.55
C VAL A 276 -24.64 -12.02 11.04
N GLU A 277 -25.61 -12.84 10.66
CA GLU A 277 -27.01 -12.59 11.06
C GLU A 277 -27.34 -12.83 12.54
N SER A 278 -26.46 -13.54 13.25
CA SER A 278 -26.59 -13.76 14.70
C SER A 278 -25.23 -13.56 15.38
N PRO A 279 -25.24 -13.13 16.66
CA PRO A 279 -23.98 -12.95 17.40
C PRO A 279 -23.22 -14.27 17.59
N GLU A 280 -23.97 -15.36 17.76
CA GLU A 280 -23.38 -16.70 17.83
C GLU A 280 -22.53 -16.98 16.60
N GLN A 281 -23.12 -16.79 15.42
CA GLN A 281 -22.42 -17.10 14.18
C GLN A 281 -21.37 -16.06 13.78
N LYS A 282 -21.64 -14.81 14.15
CA LYS A 282 -20.76 -13.69 13.87
C LYS A 282 -19.47 -13.82 14.67
N GLY A 283 -19.61 -14.22 15.93
CA GLY A 283 -18.48 -14.45 16.82
C GLY A 283 -17.54 -15.49 16.23
N LEU A 284 -18.12 -16.64 15.88
CA LEU A 284 -17.38 -17.73 15.25
C LEU A 284 -16.69 -17.29 13.96
N THR A 285 -17.45 -16.60 13.10
CA THR A 285 -16.93 -16.13 11.82
C THR A 285 -15.68 -15.32 12.08
N TYR A 286 -15.83 -14.29 12.89
CA TYR A 286 -14.73 -13.37 13.19
C TYR A 286 -13.53 -14.06 13.85
N HIS A 287 -13.80 -15.05 14.70
CA HIS A 287 -12.75 -15.88 15.29
C HIS A 287 -11.95 -16.61 14.19
N ARG A 288 -12.67 -17.26 13.28
CA ARG A 288 -12.08 -17.97 12.15
C ARG A 288 -11.18 -17.04 11.32
N ILE A 289 -11.67 -15.82 11.09
CA ILE A 289 -10.92 -14.81 10.38
C ILE A 289 -9.55 -14.59 11.03
N VAL A 290 -9.56 -14.26 12.33
CA VAL A 290 -8.30 -14.05 13.08
C VAL A 290 -7.39 -15.27 13.07
N GLU A 291 -7.95 -16.46 13.25
CA GLU A 291 -7.14 -17.68 13.19
C GLU A 291 -6.45 -17.86 11.83
N ALA A 292 -7.16 -17.51 10.74
CA ALA A 292 -6.63 -17.61 9.39
C ALA A 292 -5.47 -16.62 9.16
N PHE A 293 -5.66 -15.39 9.66
CA PHE A 293 -4.61 -14.39 9.73
C PHE A 293 -3.35 -15.00 10.33
N ARG A 294 -3.51 -15.51 11.54
CA ARG A 294 -2.41 -16.15 12.25
C ARG A 294 -1.71 -17.24 11.45
N PHE A 295 -2.50 -18.18 10.91
CA PHE A 295 -1.92 -19.27 10.13
C PHE A 295 -1.17 -18.76 8.92
N ALA A 296 -1.69 -17.72 8.28
CA ALA A 296 -1.07 -17.12 7.11
C ALA A 296 0.18 -16.33 7.47
N TYR A 297 0.10 -15.53 8.53
CA TYR A 297 1.28 -14.81 9.00
C TYR A 297 2.44 -15.72 9.45
N ALA A 298 2.10 -16.85 10.06
CA ALA A 298 3.10 -17.89 10.36
C ALA A 298 4.08 -18.16 9.20
N LYS A 299 3.55 -18.28 7.98
CA LYS A 299 4.39 -18.66 6.85
C LYS A 299 5.14 -17.50 6.19
N ARG A 300 4.67 -16.29 6.45
CA ARG A 300 5.26 -15.06 5.92
C ARG A 300 6.77 -15.00 6.07
N THR A 301 7.25 -15.42 7.24
CA THR A 301 8.65 -15.26 7.61
C THR A 301 9.63 -16.01 6.69
N LEU A 302 9.11 -16.78 5.74
CA LEU A 302 9.96 -17.45 4.76
C LEU A 302 10.18 -16.63 3.48
N LEU A 303 9.61 -15.44 3.40
CA LEU A 303 9.54 -14.67 2.16
C LEU A 303 10.61 -13.58 2.01
N GLY A 304 11.04 -13.38 0.77
CA GLY A 304 11.91 -12.26 0.43
C GLY A 304 11.95 -11.99 -1.06
N ASP A 305 12.82 -11.05 -1.44
CA ASP A 305 13.10 -10.79 -2.85
C ASP A 305 13.28 -12.12 -3.54
N PRO A 306 12.46 -12.41 -4.58
CA PRO A 306 12.64 -13.69 -5.25
C PRO A 306 13.84 -13.66 -6.22
N LYS A 307 14.61 -12.57 -6.21
CA LYS A 307 15.85 -12.51 -7.00
C LYS A 307 17.02 -12.97 -6.15
N PHE A 308 16.78 -13.03 -4.84
CA PHE A 308 17.84 -13.31 -3.89
C PHE A 308 17.58 -14.61 -3.13
N VAL A 309 16.35 -14.81 -2.71
CA VAL A 309 15.95 -16.06 -2.07
C VAL A 309 15.00 -16.84 -2.98
N ASP A 310 15.26 -18.12 -3.14
CA ASP A 310 14.35 -19.00 -3.87
C ASP A 310 13.09 -19.18 -3.02
N VAL A 311 11.97 -18.64 -3.49
CA VAL A 311 10.72 -18.83 -2.75
C VAL A 311 9.63 -19.43 -3.62
N THR A 312 10.08 -19.93 -4.77
CA THR A 312 9.18 -20.54 -5.76
CA THR A 312 9.18 -20.56 -5.75
C THR A 312 8.20 -21.55 -5.13
N GLU A 313 8.73 -22.56 -4.43
CA GLU A 313 7.92 -23.62 -3.82
C GLU A 313 7.14 -23.14 -2.60
N VAL A 314 7.73 -22.22 -1.83
CA VAL A 314 7.08 -21.63 -0.68
C VAL A 314 5.78 -20.95 -1.10
N VAL A 315 5.87 -20.15 -2.16
CA VAL A 315 4.73 -19.42 -2.69
C VAL A 315 3.68 -20.36 -3.31
N ARG A 316 4.15 -21.34 -4.09
CA ARG A 316 3.22 -22.32 -4.68
C ARG A 316 2.40 -23.02 -3.59
N ASN A 317 3.06 -23.32 -2.48
CA ASN A 317 2.45 -23.86 -1.28
C ASN A 317 1.45 -22.89 -0.66
N MET A 318 1.91 -21.69 -0.33
CA MET A 318 1.10 -20.68 0.29
C MET A 318 -0.22 -20.45 -0.44
N THR A 319 -0.17 -20.58 -1.76
CA THR A 319 -1.34 -20.38 -2.60
C THR A 319 -1.98 -21.71 -3.00
N SER A 320 -1.46 -22.82 -2.49
CA SER A 320 -1.97 -24.16 -2.79
C SER A 320 -3.33 -24.42 -2.14
N GLU A 321 -4.13 -25.20 -2.84
CA GLU A 321 -5.50 -25.48 -2.42
C GLU A 321 -5.50 -26.42 -1.22
N PHE A 322 -4.57 -27.38 -1.21
CA PHE A 322 -4.51 -28.34 -0.12
C PHE A 322 -3.80 -27.76 1.10
N PHE A 323 -2.67 -27.10 0.88
CA PHE A 323 -1.99 -26.42 1.98
C PHE A 323 -2.99 -25.61 2.78
N ALA A 324 -3.87 -24.90 2.09
CA ALA A 324 -4.90 -24.09 2.72
C ALA A 324 -5.85 -24.97 3.52
N ALA A 325 -6.20 -26.12 2.95
CA ALA A 325 -7.11 -27.08 3.59
C ALA A 325 -6.49 -27.71 4.84
N GLN A 326 -5.19 -27.94 4.81
CA GLN A 326 -4.45 -28.46 5.96
C GLN A 326 -4.57 -27.54 7.17
N LEU A 327 -4.39 -26.23 6.96
CA LEU A 327 -4.39 -25.29 8.07
C LEU A 327 -5.78 -25.04 8.61
N ARG A 328 -6.79 -25.15 7.73
CA ARG A 328 -8.17 -24.94 8.13
C ARG A 328 -8.61 -25.99 9.14
N ALA A 329 -8.12 -27.22 8.94
CA ALA A 329 -8.43 -28.33 9.82
C ALA A 329 -7.82 -28.18 11.22
N GLN A 330 -6.76 -27.37 11.32
CA GLN A 330 -6.10 -27.11 12.61
C GLN A 330 -6.70 -25.93 13.38
N ILE A 331 -7.68 -25.26 12.78
CA ILE A 331 -8.40 -24.19 13.47
C ILE A 331 -9.46 -24.80 14.41
N SER A 332 -9.37 -24.50 15.70
CA SER A 332 -10.38 -24.92 16.68
C SER A 332 -11.45 -23.87 16.76
N ASP A 333 -12.71 -24.31 16.70
CA ASP A 333 -13.84 -23.40 16.76
C ASP A 333 -13.97 -22.63 18.08
N ASP A 334 -13.52 -23.21 19.19
CA ASP A 334 -13.68 -22.52 20.47
C ASP A 334 -12.42 -22.09 21.21
N THR A 335 -11.29 -22.01 20.50
CA THR A 335 -10.12 -21.41 21.12
C THR A 335 -9.04 -20.95 20.14
N THR A 336 -8.33 -19.92 20.56
CA THR A 336 -7.07 -19.54 19.94
C THR A 336 -5.94 -20.40 20.53
N HIS A 337 -4.70 -20.14 20.09
CA HIS A 337 -3.58 -20.99 20.44
C HIS A 337 -2.27 -20.22 20.64
N PRO A 338 -1.32 -20.82 21.36
CA PRO A 338 0.06 -20.32 21.37
C PRO A 338 0.65 -20.11 19.98
N ILE A 339 1.59 -19.18 19.90
CA ILE A 339 2.35 -18.93 18.67
C ILE A 339 2.88 -20.21 18.03
N SER A 340 3.48 -21.09 18.84
CA SER A 340 4.09 -22.32 18.33
C SER A 340 3.15 -23.16 17.48
N TYR A 341 1.85 -23.02 17.79
CA TYR A 341 0.84 -23.92 17.29
C TYR A 341 0.72 -23.83 15.77
N TYR A 342 0.87 -22.60 15.26
CA TYR A 342 0.79 -22.32 13.82
C TYR A 342 2.13 -22.60 13.07
N LYS A 343 3.09 -23.23 13.76
CA LYS A 343 4.37 -23.59 13.13
C LYS A 343 4.97 -22.47 12.26
N PRO A 344 5.31 -21.33 12.87
CA PRO A 344 6.00 -20.29 12.11
C PRO A 344 7.42 -20.76 11.73
N GLU A 345 7.75 -20.73 10.45
CA GLU A 345 9.02 -21.25 9.99
C GLU A 345 9.99 -20.14 9.58
N PHE A 346 11.27 -20.48 9.47
CA PHE A 346 12.33 -19.52 9.15
C PHE A 346 13.32 -20.08 8.12
N TYR A 347 13.18 -21.36 7.78
CA TYR A 347 13.99 -22.03 6.75
C TYR A 347 13.20 -23.07 5.95
N THR B 1 1.94 5.53 3.37
CA THR B 1 1.38 4.64 2.31
C THR B 1 0.06 5.15 1.81
N ALA B 2 -0.15 4.98 0.50
CA ALA B 2 -1.40 5.35 -0.13
C ALA B 2 -1.80 4.29 -1.16
N HIS B 3 -3.08 3.98 -1.18
CA HIS B 3 -3.65 3.15 -2.24
C HIS B 3 -4.73 3.91 -3.01
N LEU B 4 -4.85 3.59 -4.29
CA LEU B 4 -5.98 4.04 -5.11
C LEU B 4 -6.41 3.00 -6.14
N SER B 5 -7.72 2.94 -6.35
CA SER B 5 -8.31 2.08 -7.36
C SER B 5 -8.81 2.95 -8.52
N VAL B 6 -8.91 2.36 -9.71
CA VAL B 6 -9.27 3.09 -10.93
C VAL B 6 -9.99 2.13 -11.88
N VAL B 7 -11.08 2.60 -12.49
CA VAL B 7 -11.71 1.87 -13.60
C VAL B 7 -11.95 2.82 -14.78
N ALA B 8 -11.29 2.53 -15.91
CA ALA B 8 -11.52 3.28 -17.14
C ALA B 8 -12.82 2.87 -17.84
N GLU B 9 -13.28 3.70 -18.77
CA GLU B 9 -14.52 3.47 -19.52
C GLU B 9 -14.46 2.22 -20.39
N ASP B 10 -13.27 1.88 -20.90
CA ASP B 10 -13.10 0.68 -21.71
C ASP B 10 -13.05 -0.59 -20.85
N GLY B 11 -13.15 -0.43 -19.53
CA GLY B 11 -13.21 -1.56 -18.61
C GLY B 11 -11.89 -2.04 -18.05
N SER B 12 -10.79 -1.39 -18.46
CA SER B 12 -9.48 -1.64 -17.89
C SER B 12 -9.38 -1.03 -16.48
N ALA B 13 -8.43 -1.53 -15.69
CA ALA B 13 -8.30 -1.09 -14.30
C ALA B 13 -6.86 -1.03 -13.79
N VAL B 14 -6.65 -0.22 -12.75
CA VAL B 14 -5.40 -0.22 -12.00
C VAL B 14 -5.65 -0.21 -10.50
N SER B 15 -5.09 -1.19 -9.80
CA SER B 15 -4.89 -1.09 -8.36
C SER B 15 -3.43 -0.68 -8.11
N ALA B 16 -3.25 0.44 -7.41
CA ALA B 16 -1.91 0.94 -7.09
C ALA B 16 -1.70 1.26 -5.60
N THR B 17 -0.58 0.81 -5.07
CA THR B 17 -0.18 1.15 -3.72
C THR B 17 1.25 1.71 -3.75
N SER B 18 1.44 2.80 -3.03
CA SER B 18 2.69 3.53 -3.01
C SER B 18 3.02 3.95 -1.58
N THR B 19 4.32 3.98 -1.27
CA THR B 19 4.75 4.40 0.07
C THR B 19 6.20 4.94 0.12
N ILE B 20 6.45 5.79 1.12
CA ILE B 20 7.79 6.22 1.56
C ILE B 20 8.13 5.54 2.89
N ASN B 21 7.28 4.56 3.23
CA ASN B 21 7.29 3.82 4.49
C ASN B 21 6.55 4.48 5.67
N LEU B 22 7.29 5.01 6.64
CA LEU B 22 6.73 5.63 7.82
C LEU B 22 6.33 7.06 7.52
N TYR B 23 5.40 7.60 8.31
CA TYR B 23 5.03 9.03 8.23
C TYR B 23 6.25 9.90 7.96
N PHE B 24 6.21 10.64 6.85
CA PHE B 24 7.28 11.53 6.46
C PHE B 24 8.61 10.82 6.16
N GLY B 25 8.57 9.50 6.10
CA GLY B 25 9.71 8.68 5.69
C GLY B 25 10.88 8.79 6.65
N SER B 26 12.07 9.00 6.09
CA SER B 26 13.30 9.09 6.85
C SER B 26 13.42 10.43 7.54
N LYS B 27 12.48 11.33 7.23
CA LYS B 27 12.46 12.69 7.74
C LYS B 27 13.61 13.50 7.16
N VAL B 28 14.11 13.05 6.00
CA VAL B 28 14.97 13.88 5.16
C VAL B 28 14.19 14.43 3.96
N ARG B 29 14.12 15.76 3.89
CA ARG B 29 13.59 16.48 2.74
C ARG B 29 14.68 17.37 2.15
N SER B 30 14.93 17.23 0.86
CA SER B 30 15.91 18.09 0.18
C SER B 30 15.47 19.55 0.25
N PRO B 31 16.40 20.44 0.67
CA PRO B 31 16.08 21.88 0.71
C PRO B 31 16.03 22.50 -0.69
N VAL B 32 16.52 21.74 -1.67
CA VAL B 32 16.58 22.19 -3.06
C VAL B 32 15.45 21.60 -3.88
N SER B 33 15.39 20.26 -3.95
CA SER B 33 14.38 19.58 -4.76
C SER B 33 13.02 19.44 -4.01
N GLY B 34 13.04 19.60 -2.70
CA GLY B 34 11.86 19.39 -1.87
C GLY B 34 11.49 17.92 -1.77
N ILE B 35 12.27 17.06 -2.41
CA ILE B 35 11.98 15.61 -2.38
C ILE B 35 12.13 15.05 -0.98
N LEU B 36 11.07 14.39 -0.52
CA LEU B 36 11.05 13.79 0.80
C LEU B 36 11.27 12.27 0.68
N PHE B 37 12.32 11.76 1.33
CA PHE B 37 12.79 10.38 1.11
C PHE B 37 12.22 9.29 2.03
N ASN B 38 12.05 8.09 1.46
CA ASN B 38 11.66 6.85 2.15
C ASN B 38 12.62 6.35 3.23
N ASN B 39 12.02 5.79 4.30
CA ASN B 39 12.76 4.96 5.24
C ASN B 39 12.50 3.47 5.00
N GLU B 40 12.37 3.09 3.74
CA GLU B 40 12.17 1.71 3.35
C GLU B 40 13.18 0.69 3.87
N MET B 41 14.40 1.11 4.23
CA MET B 41 15.37 0.17 4.81
C MET B 41 14.82 -0.46 6.11
N ASP B 42 14.09 0.32 6.91
CA ASP B 42 13.41 -0.24 8.10
C ASP B 42 12.67 -1.54 7.87
N ASP B 43 12.13 -1.73 6.67
CA ASP B 43 11.39 -2.96 6.27
C ASP B 43 12.18 -4.28 6.03
N PHE B 44 13.51 -4.19 5.99
CA PHE B 44 14.37 -5.39 6.03
C PHE B 44 14.43 -5.87 7.46
N SER B 45 14.75 -7.14 7.64
CA SER B 45 15.07 -7.70 8.95
C SER B 45 16.57 -7.55 9.27
N SER B 46 16.88 -7.33 10.54
CA SER B 46 18.24 -7.33 11.06
C SER B 46 18.51 -8.61 11.84
N PRO B 47 19.77 -9.07 11.86
CA PRO B 47 20.17 -10.13 12.81
C PRO B 47 20.16 -9.69 14.29
N SER B 48 19.73 -8.45 14.55
CA SER B 48 19.76 -7.89 15.91
C SER B 48 18.44 -8.07 16.69
N ILE B 49 17.57 -7.05 16.68
CA ILE B 49 16.44 -6.97 17.63
C ILE B 49 15.05 -7.38 17.08
N THR B 50 14.02 -7.27 17.93
CA THR B 50 12.61 -7.47 17.57
C THR B 50 11.79 -6.19 17.64
N ASN B 51 10.86 -6.05 16.68
CA ASN B 51 9.94 -4.93 16.62
C ASN B 51 8.49 -5.37 16.83
N GLY B 54 8.54 -8.80 19.05
CA GLY B 54 8.14 -8.80 17.65
C GLY B 54 8.79 -9.89 16.82
N VAL B 55 9.01 -9.61 15.54
CA VAL B 55 9.52 -10.60 14.59
C VAL B 55 11.04 -10.83 14.76
N PRO B 56 11.44 -12.06 15.14
CA PRO B 56 12.85 -12.43 15.25
C PRO B 56 13.55 -12.27 13.92
N PRO B 57 14.90 -12.21 13.93
CA PRO B 57 15.65 -12.13 12.69
C PRO B 57 15.17 -13.18 11.70
N SER B 58 14.76 -12.74 10.51
N SER B 58 14.72 -12.75 10.52
CA SER B 58 14.28 -13.66 9.48
CA SER B 58 14.28 -13.68 9.47
C SER B 58 15.20 -13.56 8.26
C SER B 58 15.21 -13.55 8.28
N PRO B 59 16.10 -14.55 8.09
CA PRO B 59 17.18 -14.54 7.08
C PRO B 59 16.78 -14.30 5.62
N ALA B 60 15.54 -14.63 5.26
CA ALA B 60 15.08 -14.44 3.89
C ALA B 60 14.80 -12.96 3.58
N ASN B 61 14.83 -12.13 4.62
CA ASN B 61 14.58 -10.69 4.49
C ASN B 61 15.74 -9.80 4.95
N PHE B 62 16.87 -10.42 5.29
CA PHE B 62 18.08 -9.66 5.61
C PHE B 62 18.49 -8.76 4.44
N ILE B 63 19.18 -7.66 4.77
CA ILE B 63 19.68 -6.73 3.75
C ILE B 63 20.76 -7.39 2.88
N GLN B 64 20.69 -7.13 1.58
CA GLN B 64 21.77 -7.39 0.65
C GLN B 64 21.80 -6.19 -0.30
N PRO B 65 22.96 -5.92 -0.95
CA PRO B 65 22.99 -4.88 -1.97
C PRO B 65 22.06 -5.20 -3.17
N GLY B 66 21.47 -4.18 -3.78
CA GLY B 66 20.53 -4.39 -4.87
C GLY B 66 19.22 -5.11 -4.53
N LYS B 67 18.86 -5.22 -3.26
CA LYS B 67 17.78 -6.13 -2.84
C LYS B 67 16.47 -5.42 -2.38
N GLN B 68 15.33 -6.01 -2.69
CA GLN B 68 14.05 -5.36 -2.33
C GLN B 68 13.48 -5.82 -0.99
N PRO B 69 13.27 -4.89 -0.07
CA PRO B 69 12.68 -5.28 1.24
C PRO B 69 11.28 -5.90 1.11
N LEU B 70 10.96 -6.89 1.94
CA LEU B 70 9.63 -7.50 1.97
C LEU B 70 8.56 -6.46 2.31
N SER B 71 7.46 -6.46 1.57
CA SER B 71 6.41 -5.49 1.81
C SER B 71 5.09 -6.08 2.26
N SER B 72 4.36 -5.30 3.06
CA SER B 72 3.00 -5.67 3.53
C SER B 72 1.92 -5.38 2.50
N MET B 73 2.26 -4.59 1.47
CA MET B 73 1.30 -4.13 0.45
C MET B 73 0.80 -5.22 -0.50
N CYS B 74 -0.49 -5.14 -0.86
CA CYS B 74 -1.11 -6.08 -1.79
C CYS B 74 -2.20 -5.43 -2.67
N PRO B 75 -1.80 -4.70 -3.74
CA PRO B 75 -2.79 -4.10 -4.64
C PRO B 75 -3.45 -5.14 -5.53
N THR B 76 -4.79 -5.21 -5.43
CA THR B 76 -5.58 -6.31 -5.98
C THR B 76 -6.64 -5.89 -7.02
N ILE B 77 -6.91 -6.81 -7.96
CA ILE B 77 -8.01 -6.72 -8.95
C ILE B 77 -8.67 -8.10 -9.08
N MET B 78 -9.98 -8.13 -8.81
CA MET B 78 -10.81 -9.32 -9.03
C MET B 78 -11.52 -9.21 -10.38
N VAL B 79 -11.53 -10.33 -11.12
CA VAL B 79 -12.11 -10.37 -12.47
C VAL B 79 -13.07 -11.55 -12.63
N GLY B 80 -14.24 -11.30 -13.21
CA GLY B 80 -15.21 -12.35 -13.52
C GLY B 80 -14.68 -13.40 -14.48
N GLN B 81 -15.42 -14.49 -14.63
CA GLN B 81 -15.02 -15.55 -15.57
C GLN B 81 -15.16 -15.01 -17.00
N ASP B 82 -16.18 -14.18 -17.18
CA ASP B 82 -16.45 -13.48 -18.43
C ASP B 82 -15.47 -12.35 -18.70
N GLY B 83 -14.37 -12.31 -17.95
CA GLY B 83 -13.30 -11.32 -18.17
C GLY B 83 -13.62 -9.87 -17.84
N GLN B 84 -14.80 -9.60 -17.27
CA GLN B 84 -15.18 -8.25 -16.83
C GLN B 84 -14.71 -8.01 -15.39
N VAL B 85 -14.17 -6.81 -15.12
CA VAL B 85 -13.61 -6.47 -13.80
C VAL B 85 -14.69 -6.35 -12.72
N ARG B 86 -14.48 -7.03 -11.60
CA ARG B 86 -15.48 -7.07 -10.53
C ARG B 86 -15.10 -6.27 -9.27
N MET B 87 -13.81 -6.09 -9.04
CA MET B 87 -13.34 -5.34 -7.89
C MET B 87 -11.93 -4.85 -8.13
N VAL B 88 -11.66 -3.64 -7.68
CA VAL B 88 -10.30 -3.12 -7.61
C VAL B 88 -10.09 -2.57 -6.20
N VAL B 89 -9.29 -3.27 -5.41
CA VAL B 89 -9.06 -2.87 -4.02
C VAL B 89 -7.65 -3.08 -3.49
N GLY B 90 -7.38 -2.41 -2.37
CA GLY B 90 -6.13 -2.49 -1.63
C GLY B 90 -6.24 -1.60 -0.39
N ALA B 91 -5.17 -1.57 0.40
CA ALA B 91 -5.15 -0.75 1.61
C ALA B 91 -3.78 -0.16 1.90
N ALA B 92 -3.76 0.75 2.87
CA ALA B 92 -2.53 1.38 3.34
C ALA B 92 -2.62 1.64 4.85
N GLY B 93 -1.45 1.79 5.47
CA GLY B 93 -1.38 2.11 6.90
C GLY B 93 -0.67 1.06 7.75
N GLY B 94 0.48 1.43 8.28
CA GLY B 94 1.34 0.53 9.05
C GLY B 94 1.47 -0.85 8.42
N THR B 95 1.29 -1.88 9.24
CA THR B 95 1.38 -3.27 8.79
C THR B 95 0.00 -3.94 8.64
N GLN B 96 -1.08 -3.17 8.79
CA GLN B 96 -2.44 -3.72 8.70
C GLN B 96 -3.01 -3.76 7.29
N ILE B 97 -2.13 -3.62 6.29
CA ILE B 97 -2.53 -3.57 4.89
C ILE B 97 -3.21 -4.86 4.42
N THR B 98 -2.61 -6.00 4.74
CA THR B 98 -3.04 -7.28 4.17
C THR B 98 -4.31 -7.82 4.82
N THR B 99 -4.48 -7.53 6.10
CA THR B 99 -5.68 -7.92 6.85
C THR B 99 -6.89 -7.10 6.42
N ALA B 100 -6.71 -5.78 6.31
CA ALA B 100 -7.78 -4.88 5.87
C ALA B 100 -8.28 -5.20 4.46
N THR B 101 -7.33 -5.38 3.53
CA THR B 101 -7.65 -5.81 2.17
C THR B 101 -8.53 -7.05 2.13
N ALA B 102 -8.18 -8.04 2.95
CA ALA B 102 -8.95 -9.28 3.03
C ALA B 102 -10.35 -9.02 3.60
N LEU B 103 -10.43 -8.20 4.65
CA LEU B 103 -11.71 -7.86 5.27
C LEU B 103 -12.63 -7.13 4.28
N ALA B 104 -12.03 -6.29 3.43
CA ALA B 104 -12.78 -5.53 2.42
C ALA B 104 -13.37 -6.48 1.40
N ILE B 105 -12.53 -7.38 0.90
CA ILE B 105 -12.99 -8.41 -0.01
C ILE B 105 -14.09 -9.25 0.62
N ILE B 106 -13.93 -9.62 1.89
CA ILE B 106 -14.86 -10.53 2.58
C ILE B 106 -16.20 -9.88 2.84
N TYR B 107 -16.16 -8.64 3.32
CA TYR B 107 -17.36 -7.86 3.59
C TYR B 107 -18.19 -7.66 2.33
N ASN B 108 -17.54 -7.38 1.22
CA ASN B 108 -18.28 -7.28 -0.03
C ASN B 108 -18.66 -8.65 -0.59
N LEU B 109 -17.66 -9.43 -0.98
CA LEU B 109 -17.89 -10.70 -1.65
C LEU B 109 -18.81 -11.67 -0.90
N TRP B 110 -18.62 -11.78 0.42
CA TRP B 110 -19.33 -12.80 1.20
C TRP B 110 -20.47 -12.31 2.13
N PHE B 111 -20.26 -11.20 2.82
CA PHE B 111 -21.29 -10.63 3.71
C PHE B 111 -22.36 -9.82 2.95
N GLY B 112 -22.03 -9.41 1.73
CA GLY B 112 -22.96 -8.74 0.83
C GLY B 112 -23.10 -7.24 1.06
N TYR B 113 -22.11 -6.66 1.71
CA TYR B 113 -22.11 -5.23 2.02
C TYR B 113 -21.79 -4.41 0.79
N ASP B 114 -22.45 -3.26 0.65
CA ASP B 114 -22.19 -2.37 -0.46
C ASP B 114 -20.76 -1.86 -0.33
N VAL B 115 -20.22 -1.29 -1.40
CA VAL B 115 -18.82 -0.89 -1.41
C VAL B 115 -18.48 0.15 -0.33
N LYS B 116 -19.40 1.06 -0.03
CA LYS B 116 -19.13 2.04 1.02
C LYS B 116 -19.08 1.36 2.38
N ARG B 117 -20.07 0.53 2.69
CA ARG B 117 -20.05 -0.24 3.94
C ARG B 117 -18.81 -1.11 4.04
N ALA B 118 -18.48 -1.79 2.95
CA ALA B 118 -17.25 -2.58 2.87
C ALA B 118 -16.03 -1.77 3.34
N VAL B 119 -16.03 -0.48 3.03
CA VAL B 119 -14.88 0.40 3.31
C VAL B 119 -14.94 1.02 4.72
N GLU B 120 -16.16 1.21 5.23
CA GLU B 120 -16.34 1.90 6.50
C GLU B 120 -16.40 0.96 7.71
N GLU B 121 -16.85 -0.28 7.47
CA GLU B 121 -17.05 -1.33 8.49
C GLU B 121 -15.83 -1.48 9.41
N PRO B 122 -16.08 -1.61 10.73
CA PRO B 122 -14.97 -1.74 11.69
C PRO B 122 -14.02 -2.89 11.34
N ARG B 123 -12.74 -2.71 11.64
CA ARG B 123 -11.75 -3.73 11.29
C ARG B 123 -11.01 -4.30 12.52
N LEU B 124 -10.46 -5.50 12.37
CA LEU B 124 -9.62 -6.08 13.42
C LEU B 124 -8.32 -6.60 12.79
N HIS B 125 -7.33 -6.93 13.61
CA HIS B 125 -5.99 -7.29 13.10
C HIS B 125 -5.28 -8.24 14.06
N ASN B 126 -4.73 -9.33 13.52
CA ASN B 126 -3.71 -10.13 14.20
C ASN B 126 -2.68 -10.60 13.20
N GLN B 127 -1.39 -10.45 13.51
CA GLN B 127 -0.32 -10.87 12.59
C GLN B 127 0.62 -11.86 13.25
N LEU B 128 0.11 -12.48 14.32
CA LEU B 128 0.83 -13.51 15.08
C LEU B 128 1.98 -12.96 15.91
N LEU B 129 2.99 -12.40 15.23
CA LEU B 129 4.10 -11.71 15.87
C LEU B 129 4.00 -10.21 15.58
N PRO B 130 3.67 -9.40 16.59
CA PRO B 130 3.52 -9.86 17.96
C PRO B 130 2.11 -10.41 18.28
N ASN B 131 1.97 -10.95 19.48
CA ASN B 131 0.90 -11.88 19.83
C ASN B 131 -0.34 -11.18 20.40
N VAL B 132 -0.91 -10.25 19.63
CA VAL B 132 -2.12 -9.56 20.08
C VAL B 132 -3.17 -9.33 18.97
N THR B 133 -4.43 -9.51 19.35
CA THR B 133 -5.54 -9.17 18.48
C THR B 133 -5.92 -7.72 18.78
N THR B 134 -5.95 -6.88 17.74
CA THR B 134 -6.34 -5.47 17.85
C THR B 134 -7.68 -5.20 17.17
N VAL B 135 -8.54 -4.43 17.81
CA VAL B 135 -9.82 -4.08 17.20
C VAL B 135 -10.06 -2.57 17.15
N GLU B 136 -10.81 -2.12 16.15
CA GLU B 136 -11.23 -0.73 16.07
C GLU B 136 -12.32 -0.40 17.09
N ARG B 137 -12.26 0.84 17.59
CA ARG B 137 -13.05 1.33 18.72
C ARG B 137 -14.59 1.16 18.64
N ASN B 138 -15.11 0.97 17.43
CA ASN B 138 -16.56 0.88 17.23
C ASN B 138 -16.94 -0.45 16.61
N ILE B 139 -16.16 -1.48 16.89
CA ILE B 139 -16.41 -2.83 16.42
C ILE B 139 -17.67 -3.39 17.10
N ASP B 140 -18.27 -4.43 16.53
CA ASP B 140 -19.38 -5.07 17.21
C ASP B 140 -18.87 -5.79 18.47
N GLN B 141 -19.42 -5.40 19.62
CA GLN B 141 -18.90 -5.84 20.92
C GLN B 141 -19.18 -7.32 21.19
N ALA B 142 -20.20 -7.86 20.52
CA ALA B 142 -20.43 -9.30 20.50
C ALA B 142 -19.28 -10.01 19.79
N VAL B 143 -18.66 -9.34 18.83
CA VAL B 143 -17.42 -9.87 18.23
C VAL B 143 -16.28 -9.89 19.25
N THR B 144 -16.13 -8.81 19.99
CA THR B 144 -15.13 -8.70 21.07
C THR B 144 -15.25 -9.81 22.11
N ALA B 145 -16.49 -10.05 22.56
CA ALA B 145 -16.78 -11.05 23.57
C ALA B 145 -16.48 -12.44 23.02
N ALA B 146 -16.94 -12.73 21.81
CA ALA B 146 -16.65 -14.00 21.18
C ALA B 146 -15.14 -14.29 21.12
N LEU B 147 -14.31 -13.27 20.90
CA LEU B 147 -12.86 -13.49 20.91
C LEU B 147 -12.32 -13.64 22.31
N GLU B 148 -12.84 -12.84 23.23
CA GLU B 148 -12.33 -12.82 24.60
C GLU B 148 -12.63 -14.10 25.35
N THR B 149 -13.65 -14.83 24.89
CA THR B 149 -14.04 -16.09 25.53
C THR B 149 -13.48 -17.32 24.80
N ARG B 150 -12.98 -17.13 23.59
CA ARG B 150 -12.14 -18.13 22.93
C ARG B 150 -10.65 -17.80 23.19
N HIS B 151 -10.42 -16.98 24.21
CA HIS B 151 -9.10 -16.76 24.85
C HIS B 151 -8.15 -15.80 24.12
N HIS B 152 -8.66 -15.13 23.10
CA HIS B 152 -8.04 -13.94 22.54
C HIS B 152 -7.94 -12.82 23.57
N HIS B 153 -6.73 -12.27 23.72
CA HIS B 153 -6.54 -11.07 24.54
C HIS B 153 -6.56 -9.84 23.65
N THR B 154 -7.69 -9.16 23.64
CA THR B 154 -7.88 -8.04 22.72
C THR B 154 -7.38 -6.72 23.31
N GLN B 155 -7.16 -5.75 22.45
CA GLN B 155 -6.88 -4.40 22.88
C GLN B 155 -7.34 -3.44 21.79
N ILE B 156 -7.91 -2.32 22.22
CA ILE B 156 -8.52 -1.38 21.31
C ILE B 156 -7.44 -0.55 20.65
N ALA B 157 -7.64 -0.23 19.37
CA ALA B 157 -6.74 0.66 18.64
C ALA B 157 -7.03 2.07 19.09
N SER B 158 -5.96 2.86 19.24
CA SER B 158 -6.10 4.27 19.62
C SER B 158 -6.72 5.09 18.49
N THR B 159 -6.23 4.89 17.27
CA THR B 159 -6.76 5.60 16.09
C THR B 159 -7.74 4.76 15.26
N PHE B 160 -7.22 4.08 14.23
CA PHE B 160 -8.01 3.29 13.29
C PHE B 160 -7.08 2.26 12.63
N ILE B 161 -7.67 1.25 12.02
CA ILE B 161 -6.88 0.22 11.38
C ILE B 161 -7.00 0.35 9.86
N ALA B 162 -5.91 0.81 9.24
CA ALA B 162 -5.74 0.92 7.79
C ALA B 162 -6.63 1.96 7.09
N VAL B 163 -6.43 2.09 5.77
CA VAL B 163 -7.16 3.02 4.89
C VAL B 163 -7.47 2.24 3.60
N VAL B 164 -8.75 2.09 3.27
CA VAL B 164 -9.12 1.29 2.10
C VAL B 164 -9.81 2.06 0.97
N GLN B 165 -9.28 1.93 -0.25
CA GLN B 165 -9.94 2.44 -1.45
C GLN B 165 -10.37 1.32 -2.42
N ALA B 166 -11.67 1.24 -2.66
CA ALA B 166 -12.25 0.19 -3.48
C ALA B 166 -13.19 0.70 -4.56
N ILE B 167 -13.30 -0.10 -5.64
CA ILE B 167 -14.34 0.03 -6.66
C ILE B 167 -14.89 -1.37 -6.93
N VAL B 168 -16.21 -1.52 -6.79
CA VAL B 168 -16.89 -2.75 -7.14
C VAL B 168 -17.77 -2.54 -8.39
N ARG B 169 -17.86 -3.55 -9.26
CA ARG B 169 -18.82 -3.55 -10.36
C ARG B 169 -20.22 -3.93 -9.85
N THR B 170 -21.25 -3.17 -10.24
CA THR B 170 -22.65 -3.60 -10.02
C THR B 170 -23.45 -3.53 -11.32
N ALA B 171 -24.67 -4.06 -11.31
CA ALA B 171 -25.53 -4.01 -12.48
C ALA B 171 -25.87 -2.57 -12.84
N GLY B 172 -25.82 -1.70 -11.83
CA GLY B 172 -26.03 -0.25 -11.99
C GLY B 172 -24.80 0.54 -12.40
N GLY B 173 -23.66 -0.15 -12.51
CA GLY B 173 -22.42 0.51 -12.92
C GLY B 173 -21.32 0.30 -11.89
N TRP B 174 -20.39 1.26 -11.83
CA TRP B 174 -19.22 1.18 -10.94
C TRP B 174 -19.44 1.91 -9.62
N ALA B 175 -19.44 1.14 -8.52
CA ALA B 175 -19.59 1.70 -7.18
C ALA B 175 -18.22 1.89 -6.55
N ALA B 176 -18.00 3.07 -5.97
CA ALA B 176 -16.68 3.46 -5.46
C ALA B 176 -16.76 4.07 -4.07
N ALA B 177 -15.68 3.90 -3.31
CA ALA B 177 -15.58 4.46 -1.96
C ALA B 177 -14.13 4.77 -1.61
N SER B 178 -13.92 5.93 -1.01
CA SER B 178 -12.65 6.23 -0.34
C SER B 178 -12.91 6.22 1.18
N ASP B 179 -11.85 5.98 1.94
CA ASP B 179 -11.97 5.68 3.39
C ASP B 179 -12.10 6.97 4.16
N SER B 180 -13.15 7.08 4.99
CA SER B 180 -13.42 8.31 5.72
C SER B 180 -12.40 8.48 6.83
N ARG B 181 -11.83 7.38 7.26
CA ARG B 181 -10.76 7.41 8.25
C ARG B 181 -9.62 8.38 7.84
N LYS B 182 -9.33 8.45 6.54
CA LYS B 182 -8.27 9.34 6.04
C LYS B 182 -8.88 10.53 5.30
N GLY B 183 -10.19 10.46 5.04
CA GLY B 183 -10.95 11.59 4.50
C GLY B 183 -10.99 11.84 3.00
N GLY B 184 -10.58 10.87 2.18
CA GLY B 184 -10.72 11.00 0.72
C GLY B 184 -12.17 10.85 0.27
N GLU B 185 -12.41 11.21 -0.99
CA GLU B 185 -13.69 10.95 -1.69
C GLU B 185 -13.37 10.59 -3.13
N PRO B 186 -14.20 9.74 -3.76
CA PRO B 186 -13.93 9.41 -5.15
C PRO B 186 -14.49 10.42 -6.17
N ALA B 187 -14.24 10.15 -7.44
CA ALA B 187 -14.77 10.92 -8.56
C ALA B 187 -15.10 9.94 -9.66
N GLY B 188 -15.94 10.36 -10.62
CA GLY B 188 -16.25 9.53 -11.77
C GLY B 188 -17.18 10.24 -12.72
N TYR B 189 -17.75 9.48 -13.66
CA TYR B 189 -18.76 9.97 -14.59
C TYR B 189 -19.50 8.85 -15.28
#